data_1FB5
#
_entry.id   1FB5
#
_cell.length_a   184.700
_cell.length_b   184.700
_cell.length_c   184.700
_cell.angle_alpha   90.00
_cell.angle_beta   90.00
_cell.angle_gamma   90.00
#
_symmetry.space_group_name_H-M   'P 43 3 2'
#
loop_
_entity.id
_entity.type
_entity.pdbx_description
1 polymer 'ORNITHINE TRANSCARBAMOYLASE'
2 non-polymer NORVALINE
3 water water
#
_entity_poly.entity_id   1
_entity_poly.type   'polypeptide(L)'
_entity_poly.pdbx_seq_one_letter_code
;VQLKGRDLLTLKNFTGEEIKYMLWLSADLKFRIKQKGEYLPLLQGKSLGMIFEKRSTRTRLSTETGFALLGGHPCFLTTQ
DIHLGVNESLTDTARVLSSMADAVLARVYKQSDLETLAKEASIPVINGLSDLYHPIQILADYLTLQEHYSSLKGLTLSWI
GDGNNILHSIMMSAAKFGMHLQAATPKGYEPDASVTKLAEQYAKENGTKLLLTNDPLEAAHGGNVLITDTWISMGREEEK
KKRLQAFQGYQVNSKTAKVAASAWTFLHCLPRKPEEVDDDVFYSPRSLVFPEAENRKWTIMAVMVSLLTDYSPQLQKPKF
;
_entity_poly.pdbx_strand_id   A
#
# COMPACT_ATOMS: atom_id res chain seq x y z
N VAL A 1 17.43 1.53 -8.79
CA VAL A 1 18.18 2.01 -9.98
C VAL A 1 17.50 1.43 -11.23
N GLN A 2 17.40 0.11 -11.30
CA GLN A 2 16.73 -0.55 -12.43
C GLN A 2 15.62 -1.39 -11.85
N LEU A 3 14.41 -1.20 -12.37
CA LEU A 3 13.23 -1.90 -11.85
C LEU A 3 12.42 -2.57 -12.97
N LYS A 4 12.74 -2.19 -14.20
CA LYS A 4 12.05 -2.75 -15.33
C LYS A 4 12.03 -4.26 -15.17
N GLY A 5 10.88 -4.85 -15.47
CA GLY A 5 10.76 -6.29 -15.39
C GLY A 5 10.72 -6.88 -13.99
N ARG A 6 10.95 -6.06 -12.97
CA ARG A 6 10.92 -6.58 -11.62
C ARG A 6 9.49 -6.59 -11.10
N ASP A 7 8.92 -7.77 -10.89
CA ASP A 7 7.55 -7.80 -10.39
C ASP A 7 7.54 -7.33 -8.94
N LEU A 8 6.40 -6.81 -8.51
CA LEU A 8 6.25 -6.28 -7.17
C LEU A 8 5.17 -7.00 -6.40
N LEU A 9 5.59 -7.85 -5.48
CA LEU A 9 4.66 -8.62 -4.66
C LEU A 9 4.57 -8.08 -3.25
N THR A 10 5.61 -7.35 -2.85
CA THR A 10 5.71 -6.72 -1.53
C THR A 10 7.05 -6.03 -1.32
N LEU A 11 7.02 -4.88 -0.64
CA LEU A 11 8.23 -4.09 -0.38
C LEU A 11 9.36 -4.83 0.33
N LYS A 12 9.03 -5.94 0.97
CA LYS A 12 10.01 -6.75 1.68
C LYS A 12 11.28 -6.77 0.83
N ASN A 13 11.23 -7.48 -0.29
CA ASN A 13 12.37 -7.57 -1.19
C ASN A 13 12.48 -6.30 -2.04
N PHE A 14 12.79 -5.19 -1.37
CA PHE A 14 12.93 -3.91 -2.04
C PHE A 14 13.79 -2.96 -1.23
N THR A 15 14.92 -2.55 -1.78
CA THR A 15 15.80 -1.61 -1.08
C THR A 15 15.02 -0.33 -0.91
N GLY A 16 15.21 0.33 0.22
CA GLY A 16 14.49 1.58 0.42
C GLY A 16 14.73 2.44 -0.80
N GLU A 17 15.99 2.58 -1.16
CA GLU A 17 16.39 3.37 -2.31
C GLU A 17 15.47 3.09 -3.50
N GLU A 18 15.09 1.83 -3.66
CA GLU A 18 14.21 1.42 -4.75
C GLU A 18 12.82 2.02 -4.55
N ILE A 19 12.25 1.76 -3.38
CA ILE A 19 10.93 2.30 -3.09
C ILE A 19 10.99 3.79 -3.33
N LYS A 20 11.95 4.45 -2.70
CA LYS A 20 12.11 5.87 -2.85
C LYS A 20 11.97 6.23 -4.34
N TYR A 21 12.77 5.58 -5.19
CA TYR A 21 12.70 5.86 -6.62
C TYR A 21 11.25 5.89 -7.06
N MET A 22 10.56 4.78 -6.85
CA MET A 22 9.17 4.71 -7.24
C MET A 22 8.44 5.99 -6.85
N LEU A 23 8.41 6.27 -5.55
CA LEU A 23 7.77 7.47 -5.05
C LEU A 23 8.17 8.66 -5.92
N TRP A 24 9.48 8.82 -6.09
CA TRP A 24 10.05 9.89 -6.92
C TRP A 24 9.30 9.92 -8.24
N LEU A 25 9.41 8.84 -8.99
CA LEU A 25 8.73 8.73 -10.27
C LEU A 25 7.27 9.13 -10.10
N SER A 26 6.61 8.60 -9.08
CA SER A 26 5.21 8.96 -8.83
C SER A 26 5.14 10.47 -8.85
N ALA A 27 5.89 11.08 -7.94
CA ALA A 27 5.92 12.53 -7.82
C ALA A 27 6.27 13.17 -9.14
N ASP A 28 7.14 12.54 -9.92
CA ASP A 28 7.50 13.11 -11.19
C ASP A 28 6.27 13.16 -12.05
N LEU A 29 5.64 11.99 -12.21
CA LEU A 29 4.43 11.86 -13.02
C LEU A 29 3.31 12.78 -12.57
N LYS A 30 3.00 12.77 -11.27
CA LYS A 30 1.93 13.63 -10.77
C LYS A 30 2.18 15.07 -11.14
N PHE A 31 3.41 15.52 -10.96
CA PHE A 31 3.73 16.88 -11.30
C PHE A 31 3.72 17.05 -12.82
N ARG A 32 4.69 16.45 -13.48
CA ARG A 32 4.79 16.59 -14.92
C ARG A 32 3.41 16.46 -15.59
N ILE A 33 2.51 15.64 -15.04
CA ILE A 33 1.19 15.48 -15.64
C ILE A 33 0.06 16.31 -15.04
N LYS A 34 -0.15 16.19 -13.74
CA LYS A 34 -1.22 16.93 -13.03
C LYS A 34 -0.91 18.41 -12.82
N GLN A 35 0.36 18.74 -12.60
CA GLN A 35 0.74 20.13 -12.38
C GLN A 35 1.06 20.84 -13.70
N LYS A 36 2.02 20.30 -14.46
CA LYS A 36 2.38 20.91 -15.74
C LYS A 36 1.35 20.59 -16.84
N GLY A 37 0.59 19.52 -16.64
CA GLY A 37 -0.45 19.16 -17.59
C GLY A 37 -0.08 18.58 -18.94
N GLU A 38 1.13 18.08 -19.10
CA GLU A 38 1.46 17.49 -20.39
C GLU A 38 0.98 16.04 -20.48
N TYR A 39 0.89 15.52 -21.69
CA TYR A 39 0.43 14.15 -21.89
C TYR A 39 1.62 13.20 -21.99
N LEU A 40 1.61 12.13 -21.20
CA LEU A 40 2.71 11.18 -21.21
C LEU A 40 2.40 9.75 -21.60
N PRO A 41 2.56 9.46 -22.90
CA PRO A 41 2.32 8.16 -23.53
C PRO A 41 3.31 7.09 -23.12
N LEU A 42 3.94 7.26 -21.96
CA LEU A 42 4.91 6.27 -21.52
C LEU A 42 4.42 4.86 -21.76
N LEU A 43 3.15 4.63 -21.44
CA LEU A 43 2.58 3.31 -21.57
C LEU A 43 1.88 3.03 -22.90
N GLN A 44 2.23 3.76 -23.95
CA GLN A 44 1.58 3.50 -25.21
C GLN A 44 2.05 2.14 -25.72
N GLY A 45 1.11 1.35 -26.25
CA GLY A 45 1.45 0.05 -26.77
C GLY A 45 1.63 -1.06 -25.73
N LYS A 46 1.18 -0.79 -24.51
CA LYS A 46 1.31 -1.75 -23.44
C LYS A 46 -0.06 -2.06 -22.84
N SER A 47 -0.22 -3.29 -22.34
CA SER A 47 -1.47 -3.72 -21.76
C SER A 47 -1.33 -4.31 -20.36
N LEU A 48 -2.24 -3.98 -19.47
CA LEU A 48 -2.20 -4.51 -18.11
C LEU A 48 -3.34 -5.46 -17.82
N GLY A 49 -3.00 -6.65 -17.37
CA GLY A 49 -4.02 -7.62 -17.04
C GLY A 49 -4.27 -7.42 -15.57
N MET A 50 -5.48 -6.97 -15.25
CA MET A 50 -5.87 -6.73 -13.87
C MET A 50 -6.79 -7.84 -13.39
N ILE A 51 -6.32 -8.68 -12.49
CA ILE A 51 -7.16 -9.76 -12.02
C ILE A 51 -7.75 -9.37 -10.68
N PHE A 52 -9.07 -9.42 -10.58
CA PHE A 52 -9.72 -9.07 -9.32
C PHE A 52 -10.49 -10.24 -8.71
N GLU A 53 -9.89 -10.87 -7.71
CA GLU A 53 -10.52 -11.98 -7.03
C GLU A 53 -11.85 -11.52 -6.43
N LYS A 54 -11.86 -10.32 -5.87
CA LYS A 54 -13.07 -9.74 -5.30
C LYS A 54 -13.26 -8.32 -5.86
N ARG A 55 -14.52 -7.97 -6.10
CA ARG A 55 -14.92 -6.65 -6.59
C ARG A 55 -14.14 -5.60 -5.81
N SER A 56 -13.13 -4.99 -6.43
CA SER A 56 -12.34 -3.99 -5.70
C SER A 56 -12.34 -2.60 -6.33
N THR A 57 -13.43 -2.29 -7.00
CA THR A 57 -13.64 -1.00 -7.67
C THR A 57 -12.56 0.09 -7.51
N ARG A 58 -12.56 0.78 -6.38
CA ARG A 58 -11.61 1.85 -6.13
C ARG A 58 -10.25 1.60 -6.77
N THR A 59 -9.60 0.54 -6.32
CA THR A 59 -8.29 0.16 -6.82
C THR A 59 -8.25 0.16 -8.34
N ARG A 60 -9.22 -0.51 -8.94
CA ARG A 60 -9.30 -0.59 -10.40
C ARG A 60 -9.38 0.81 -10.95
N LEU A 61 -10.48 1.49 -10.65
CA LEU A 61 -10.70 2.84 -11.12
C LEU A 61 -9.35 3.54 -11.21
N SER A 62 -8.67 3.68 -10.09
CA SER A 62 -7.37 4.33 -10.03
C SER A 62 -6.39 3.72 -11.03
N THR A 63 -6.18 2.42 -10.89
CA THR A 63 -5.29 1.68 -11.78
C THR A 63 -5.69 1.94 -13.23
N GLU A 64 -6.88 1.45 -13.60
CA GLU A 64 -7.41 1.62 -14.94
C GLU A 64 -7.08 3.01 -15.42
N THR A 65 -7.77 4.01 -14.87
CA THR A 65 -7.50 5.38 -15.27
C THR A 65 -6.01 5.71 -15.33
N GLY A 66 -5.25 5.28 -14.33
CA GLY A 66 -3.84 5.57 -14.34
C GLY A 66 -3.12 4.98 -15.53
N PHE A 67 -3.21 3.67 -15.66
CA PHE A 67 -2.54 2.95 -16.74
C PHE A 67 -2.93 3.55 -18.07
N ALA A 68 -4.18 4.01 -18.16
CA ALA A 68 -4.68 4.60 -19.38
C ALA A 68 -4.05 5.96 -19.64
N LEU A 69 -4.06 6.81 -18.62
CA LEU A 69 -3.51 8.14 -18.72
C LEU A 69 -2.14 8.12 -19.37
N LEU A 70 -1.31 7.13 -19.04
CA LEU A 70 0.02 7.04 -19.63
C LEU A 70 -0.04 6.40 -20.99
N GLY A 71 -1.25 6.32 -21.55
CA GLY A 71 -1.45 5.74 -22.86
C GLY A 71 -1.44 4.22 -22.92
N GLY A 72 -1.56 3.58 -21.76
CA GLY A 72 -1.57 2.13 -21.75
C GLY A 72 -2.98 1.63 -21.88
N HIS A 73 -3.15 0.32 -22.05
CA HIS A 73 -4.50 -0.23 -22.13
C HIS A 73 -4.77 -1.21 -21.03
N PRO A 74 -5.58 -0.82 -20.05
CA PRO A 74 -5.92 -1.69 -18.93
C PRO A 74 -6.96 -2.69 -19.35
N CYS A 75 -6.68 -3.96 -19.11
CA CYS A 75 -7.61 -4.99 -19.44
C CYS A 75 -8.16 -5.57 -18.15
N PHE A 76 -9.48 -5.49 -18.02
CA PHE A 76 -10.18 -5.91 -16.83
C PHE A 76 -10.76 -7.33 -16.83
N LEU A 77 -10.21 -8.21 -16.00
CA LEU A 77 -10.66 -9.61 -15.89
C LEU A 77 -11.14 -9.93 -14.47
N THR A 78 -12.32 -10.52 -14.35
CA THR A 78 -12.84 -10.86 -13.02
C THR A 78 -12.52 -12.27 -12.53
N THR A 79 -13.45 -13.19 -12.75
CA THR A 79 -13.26 -14.56 -12.32
C THR A 79 -13.18 -15.52 -13.50
N GLN A 80 -12.78 -15.00 -14.67
CA GLN A 80 -12.64 -15.83 -15.86
C GLN A 80 -11.50 -16.82 -15.65
N ASP A 81 -10.91 -16.77 -14.45
CA ASP A 81 -9.77 -17.62 -14.10
C ASP A 81 -9.94 -18.39 -12.78
N ILE A 82 -8.81 -18.73 -12.14
CA ILE A 82 -8.79 -19.48 -10.88
C ILE A 82 -9.21 -18.68 -9.64
N HIS A 83 -10.17 -17.77 -9.84
CA HIS A 83 -10.71 -16.94 -8.78
C HIS A 83 -12.03 -17.54 -8.26
N LEU A 84 -12.94 -17.83 -9.21
CA LEU A 84 -14.24 -18.41 -8.89
C LEU A 84 -14.40 -19.88 -9.35
N GLY A 85 -14.52 -20.11 -10.66
CA GLY A 85 -14.67 -21.47 -11.19
C GLY A 85 -13.36 -22.11 -11.70
N VAL A 86 -12.79 -21.54 -12.77
CA VAL A 86 -11.52 -22.03 -13.34
C VAL A 86 -11.36 -23.55 -13.50
N ASN A 87 -11.14 -24.00 -14.73
CA ASN A 87 -10.95 -25.43 -15.03
C ASN A 87 -9.47 -25.77 -15.31
N GLU A 88 -8.64 -24.74 -15.47
CA GLU A 88 -7.21 -24.91 -15.74
C GLU A 88 -6.35 -24.42 -14.58
N SER A 89 -5.17 -25.01 -14.43
CA SER A 89 -4.24 -24.63 -13.36
C SER A 89 -3.66 -23.27 -13.74
N LEU A 90 -3.69 -22.32 -12.80
CA LEU A 90 -3.18 -20.99 -13.08
C LEU A 90 -1.74 -21.06 -13.55
N THR A 91 -1.08 -22.19 -13.30
CA THR A 91 0.30 -22.35 -13.72
C THR A 91 0.40 -22.28 -15.26
N ASP A 92 -0.75 -22.31 -15.93
CA ASP A 92 -0.86 -22.21 -17.40
C ASP A 92 -1.43 -20.82 -17.69
N THR A 93 -2.54 -20.52 -17.04
CA THR A 93 -3.19 -19.23 -17.15
C THR A 93 -2.14 -18.15 -17.24
N ALA A 94 -1.12 -18.26 -16.41
CA ALA A 94 -0.04 -17.29 -16.41
C ALA A 94 0.50 -17.18 -17.83
N ARG A 95 0.77 -18.32 -18.46
CA ARG A 95 1.29 -18.32 -19.83
C ARG A 95 0.47 -17.37 -20.70
N VAL A 96 -0.83 -17.61 -20.77
CA VAL A 96 -1.71 -16.76 -21.57
C VAL A 96 -1.45 -15.28 -21.27
N LEU A 97 -1.64 -14.89 -20.01
CA LEU A 97 -1.41 -13.52 -19.61
C LEU A 97 -0.03 -13.05 -20.01
N SER A 98 0.92 -13.98 -19.98
CA SER A 98 2.28 -13.64 -20.33
C SER A 98 2.30 -13.26 -21.79
N SER A 99 1.35 -13.80 -22.55
CA SER A 99 1.30 -13.53 -23.98
C SER A 99 0.38 -12.38 -24.34
N MET A 100 -0.64 -12.17 -23.51
CA MET A 100 -1.60 -11.11 -23.73
C MET A 100 -1.16 -9.79 -23.09
N ALA A 101 -1.32 -9.65 -21.78
CA ALA A 101 -0.89 -8.43 -21.10
C ALA A 101 0.63 -8.55 -20.97
N ASP A 102 1.32 -7.43 -20.80
CA ASP A 102 2.77 -7.48 -20.62
C ASP A 102 3.07 -7.13 -19.17
N ALA A 103 2.04 -7.28 -18.35
CA ALA A 103 2.13 -7.01 -16.91
C ALA A 103 0.77 -7.31 -16.29
N VAL A 104 0.78 -7.78 -15.04
CA VAL A 104 -0.47 -8.11 -14.37
C VAL A 104 -0.59 -7.58 -12.98
N LEU A 105 -1.69 -6.87 -12.74
CA LEU A 105 -1.94 -6.36 -11.42
C LEU A 105 -3.02 -7.29 -10.90
N ALA A 106 -2.69 -8.09 -9.91
CA ALA A 106 -3.70 -8.99 -9.41
C ALA A 106 -4.05 -8.68 -7.97
N ARG A 107 -5.32 -8.86 -7.65
CA ARG A 107 -5.82 -8.63 -6.30
C ARG A 107 -6.42 -9.96 -5.86
N VAL A 108 -5.63 -10.76 -5.17
CA VAL A 108 -6.07 -12.06 -4.72
C VAL A 108 -6.18 -12.21 -3.21
N TYR A 109 -6.77 -13.33 -2.81
CA TYR A 109 -6.99 -13.67 -1.42
C TYR A 109 -5.76 -14.29 -0.73
N LYS A 110 -4.85 -14.85 -1.53
CA LYS A 110 -3.67 -15.50 -0.98
C LYS A 110 -2.37 -15.05 -1.63
N GLN A 111 -1.37 -14.75 -0.81
CA GLN A 111 -0.06 -14.39 -1.35
C GLN A 111 0.25 -15.58 -2.23
N SER A 112 0.30 -16.74 -1.58
CA SER A 112 0.55 -18.04 -2.21
C SER A 112 0.31 -18.00 -3.71
N ASP A 113 -0.92 -17.69 -4.09
CA ASP A 113 -1.29 -17.60 -5.50
C ASP A 113 -0.34 -16.67 -6.19
N LEU A 114 -0.12 -15.49 -5.62
CA LEU A 114 0.78 -14.55 -6.25
C LEU A 114 2.17 -15.08 -6.63
N GLU A 115 2.95 -15.59 -5.69
CA GLU A 115 4.29 -16.05 -6.05
C GLU A 115 4.27 -17.04 -7.19
N THR A 116 3.38 -18.02 -7.11
CA THR A 116 3.30 -19.01 -8.16
C THR A 116 2.97 -18.27 -9.46
N LEU A 117 1.89 -17.51 -9.41
CA LEU A 117 1.42 -16.74 -10.54
C LEU A 117 2.60 -15.97 -11.14
N ALA A 118 3.46 -15.47 -10.28
CA ALA A 118 4.60 -14.72 -10.73
C ALA A 118 5.70 -15.62 -11.26
N LYS A 119 6.08 -16.61 -10.47
CA LYS A 119 7.16 -17.52 -10.86
C LYS A 119 6.84 -18.32 -12.11
N GLU A 120 5.56 -18.34 -12.46
CA GLU A 120 5.14 -19.06 -13.64
C GLU A 120 4.83 -18.10 -14.79
N ALA A 121 5.34 -16.87 -14.75
CA ALA A 121 5.04 -15.93 -15.84
C ALA A 121 6.17 -14.97 -16.21
N SER A 122 6.48 -14.92 -17.51
CA SER A 122 7.54 -14.04 -18.02
C SER A 122 7.09 -12.58 -18.03
N ILE A 123 6.14 -12.34 -17.14
CA ILE A 123 5.52 -11.03 -16.95
C ILE A 123 5.56 -10.61 -15.50
N PRO A 124 5.88 -9.33 -15.26
CA PRO A 124 5.93 -8.83 -13.89
C PRO A 124 4.55 -8.86 -13.24
N VAL A 125 4.43 -9.42 -12.05
CA VAL A 125 3.14 -9.45 -11.43
C VAL A 125 3.06 -8.48 -10.25
N ILE A 126 1.97 -7.72 -10.18
CA ILE A 126 1.81 -6.73 -9.13
C ILE A 126 0.75 -7.03 -8.11
N ASN A 127 1.17 -6.95 -6.85
CA ASN A 127 0.27 -7.23 -5.74
C ASN A 127 -0.79 -6.16 -5.63
N GLY A 128 -1.91 -6.38 -6.30
CA GLY A 128 -2.99 -5.41 -6.25
C GLY A 128 -3.64 -5.39 -4.88
N LEU A 129 -3.23 -6.32 -4.04
CA LEU A 129 -3.74 -6.45 -2.67
C LEU A 129 -3.93 -7.91 -2.33
N SER A 130 -3.15 -8.39 -1.37
CA SER A 130 -3.27 -9.77 -0.93
C SER A 130 -3.65 -9.77 0.54
N ASP A 131 -3.82 -10.96 1.09
CA ASP A 131 -4.18 -11.12 2.49
C ASP A 131 -3.00 -10.75 3.40
N LEU A 132 -1.80 -10.75 2.84
CA LEU A 132 -0.61 -10.44 3.64
C LEU A 132 0.02 -9.08 3.45
N TYR A 133 -0.26 -8.43 2.33
CA TYR A 133 0.36 -7.14 2.10
C TYR A 133 -0.55 -6.25 1.31
N HIS A 134 -0.01 -5.09 0.95
CA HIS A 134 -0.72 -4.11 0.15
C HIS A 134 0.22 -2.98 -0.22
N PRO A 135 1.41 -3.33 -0.68
CA PRO A 135 2.46 -2.40 -1.10
C PRO A 135 2.01 -1.08 -1.74
N ILE A 136 1.45 -1.20 -2.94
CA ILE A 136 0.98 -0.04 -3.68
C ILE A 136 0.19 0.95 -2.85
N GLN A 137 -0.37 0.52 -1.72
CA GLN A 137 -1.14 1.45 -0.90
C GLN A 137 -0.19 2.26 -0.06
N ILE A 138 0.52 1.59 0.85
CA ILE A 138 1.45 2.33 1.70
C ILE A 138 2.32 3.17 0.77
N LEU A 139 2.59 2.62 -0.40
CA LEU A 139 3.38 3.31 -1.40
C LEU A 139 2.82 4.73 -1.57
N ALA A 140 1.51 4.82 -1.71
CA ALA A 140 0.87 6.10 -1.87
C ALA A 140 0.95 6.80 -0.52
N ASP A 141 0.51 6.12 0.53
CA ASP A 141 0.55 6.70 1.88
C ASP A 141 1.86 7.45 2.05
N TYR A 142 2.96 6.73 1.85
CA TYR A 142 4.28 7.33 1.97
C TYR A 142 4.35 8.56 1.09
N LEU A 143 4.13 8.38 -0.21
CA LEU A 143 4.16 9.52 -1.11
C LEU A 143 3.40 10.68 -0.46
N THR A 144 2.14 10.44 -0.12
CA THR A 144 1.31 11.46 0.51
C THR A 144 2.05 12.16 1.64
N LEU A 145 2.55 11.36 2.58
CA LEU A 145 3.29 11.89 3.70
C LEU A 145 4.41 12.76 3.19
N GLN A 146 5.35 12.15 2.49
CA GLN A 146 6.46 12.87 1.93
C GLN A 146 5.99 14.23 1.44
N GLU A 147 4.90 14.25 0.69
CA GLU A 147 4.40 15.52 0.17
C GLU A 147 4.03 16.48 1.27
N HIS A 148 3.34 15.99 2.29
CA HIS A 148 2.92 16.85 3.37
C HIS A 148 4.06 17.38 4.22
N TYR A 149 4.98 16.52 4.63
CA TYR A 149 6.12 16.95 5.46
C TYR A 149 7.38 17.25 4.65
N SER A 150 7.34 16.94 3.36
CA SER A 150 8.48 17.12 2.44
C SER A 150 9.74 16.42 2.94
N SER A 151 9.56 15.18 3.40
CA SER A 151 10.61 14.31 3.91
C SER A 151 10.00 13.25 4.81
N LEU A 152 10.48 12.01 4.70
CA LEU A 152 9.97 10.94 5.55
C LEU A 152 11.12 10.73 6.53
N LYS A 153 12.22 11.42 6.22
CA LYS A 153 13.47 11.43 6.97
C LYS A 153 13.44 10.60 8.24
N GLY A 154 12.75 11.11 9.25
CA GLY A 154 12.69 10.42 10.52
C GLY A 154 11.41 10.55 11.30
N LEU A 155 10.29 10.67 10.61
CA LEU A 155 9.05 10.76 11.34
C LEU A 155 8.68 9.39 11.88
N THR A 156 7.92 9.40 12.96
CA THR A 156 7.49 8.17 13.59
C THR A 156 6.01 7.93 13.30
N LEU A 157 5.73 6.85 12.59
CA LEU A 157 4.37 6.49 12.24
C LEU A 157 3.69 5.76 13.40
N SER A 158 2.39 5.92 13.51
CA SER A 158 1.68 5.30 14.61
C SER A 158 0.57 4.39 14.19
N TRP A 159 0.73 3.10 14.45
CA TRP A 159 -0.31 2.16 14.06
C TRP A 159 -1.25 1.74 15.16
N ILE A 160 -2.52 2.02 14.93
CA ILE A 160 -3.58 1.65 15.85
C ILE A 160 -4.56 0.81 15.03
N GLY A 161 -4.69 -0.47 15.39
CA GLY A 161 -5.60 -1.31 14.66
C GLY A 161 -5.17 -2.78 14.69
N ASP A 162 -5.92 -3.62 13.99
CA ASP A 162 -5.62 -5.06 13.94
C ASP A 162 -4.36 -5.21 13.08
N GLY A 163 -3.71 -6.37 13.16
CA GLY A 163 -2.49 -6.58 12.38
C GLY A 163 -2.67 -7.18 11.00
N ASN A 164 -3.12 -6.37 10.05
CA ASN A 164 -3.36 -6.84 8.69
C ASN A 164 -2.28 -6.49 7.68
N ASN A 165 -2.53 -6.92 6.46
CA ASN A 165 -1.65 -6.72 5.32
C ASN A 165 -1.02 -5.34 5.35
N ILE A 166 -1.84 -4.31 5.49
CA ILE A 166 -1.34 -2.94 5.51
C ILE A 166 -0.19 -2.77 6.49
N LEU A 167 -0.53 -2.82 7.76
CA LEU A 167 0.46 -2.69 8.82
C LEU A 167 1.73 -3.42 8.40
N HIS A 168 1.53 -4.65 7.96
CA HIS A 168 2.65 -5.49 7.50
C HIS A 168 3.51 -4.68 6.54
N SER A 169 2.91 -4.29 5.42
CA SER A 169 3.60 -3.52 4.40
C SER A 169 4.38 -2.37 5.00
N ILE A 170 3.71 -1.58 5.83
CA ILE A 170 4.37 -0.48 6.49
C ILE A 170 5.67 -1.01 7.07
N MET A 171 5.53 -2.04 7.91
CA MET A 171 6.67 -2.67 8.56
C MET A 171 7.78 -2.96 7.58
N MET A 172 7.42 -3.71 6.55
CA MET A 172 8.38 -4.07 5.53
C MET A 172 8.93 -2.86 4.79
N SER A 173 8.54 -1.65 5.16
CA SER A 173 8.99 -0.47 4.42
C SER A 173 9.30 0.79 5.18
N ALA A 174 8.61 0.99 6.30
CA ALA A 174 8.81 2.21 7.10
C ALA A 174 10.28 2.46 7.39
N ALA A 175 10.93 1.44 7.91
CA ALA A 175 12.34 1.55 8.29
C ALA A 175 13.25 1.85 7.11
N LYS A 176 12.97 1.23 5.97
CA LYS A 176 13.79 1.44 4.77
C LYS A 176 13.92 2.93 4.52
N PHE A 177 12.85 3.67 4.83
CA PHE A 177 12.83 5.11 4.63
C PHE A 177 13.46 5.86 5.80
N GLY A 178 13.59 5.14 6.90
CA GLY A 178 14.21 5.73 8.07
C GLY A 178 13.17 6.22 9.04
N MET A 179 11.94 5.75 8.88
CA MET A 179 10.85 6.15 9.75
C MET A 179 10.62 5.24 10.94
N HIS A 180 10.09 5.80 12.02
CA HIS A 180 9.83 5.01 13.21
C HIS A 180 8.44 4.44 13.22
N LEU A 181 8.38 3.19 13.63
CA LEU A 181 7.14 2.46 13.69
C LEU A 181 6.69 2.40 15.14
N GLN A 182 5.39 2.47 15.36
CA GLN A 182 4.88 2.39 16.71
C GLN A 182 3.54 1.66 16.52
N ALA A 183 3.61 0.33 16.52
CA ALA A 183 2.42 -0.51 16.32
C ALA A 183 1.65 -0.72 17.60
N ALA A 184 0.35 -0.96 17.47
CA ALA A 184 -0.52 -1.19 18.63
C ALA A 184 -1.73 -2.02 18.20
N THR A 185 -1.70 -3.30 18.56
CA THR A 185 -2.78 -4.22 18.21
C THR A 185 -3.27 -4.96 19.42
N PRO A 186 -4.56 -5.27 19.48
CA PRO A 186 -5.13 -5.99 20.62
C PRO A 186 -4.37 -7.29 20.86
N LYS A 187 -4.25 -7.67 22.13
CA LYS A 187 -3.54 -8.87 22.53
C LYS A 187 -4.07 -10.12 21.83
N GLY A 188 -4.88 -9.91 20.80
CA GLY A 188 -5.38 -11.05 20.07
C GLY A 188 -4.86 -11.08 18.64
N TYR A 189 -4.54 -9.91 18.10
CA TYR A 189 -4.10 -9.85 16.71
C TYR A 189 -2.70 -9.37 16.40
N GLU A 190 -1.75 -9.58 17.31
CA GLU A 190 -0.40 -9.16 17.03
C GLU A 190 -0.10 -9.81 15.70
N PRO A 191 0.69 -9.15 14.84
CA PRO A 191 0.99 -9.76 13.55
C PRO A 191 2.02 -10.87 13.72
N ASP A 192 1.73 -12.02 13.12
CA ASP A 192 2.63 -13.18 13.18
C ASP A 192 4.06 -12.71 13.33
N ALA A 193 4.67 -13.04 14.45
CA ALA A 193 6.03 -12.64 14.71
C ALA A 193 6.94 -12.83 13.51
N SER A 194 6.51 -13.69 12.59
CA SER A 194 7.31 -13.98 11.40
C SER A 194 7.81 -12.72 10.72
N VAL A 195 6.91 -11.75 10.58
CA VAL A 195 7.23 -10.48 9.93
C VAL A 195 7.83 -9.47 10.88
N THR A 196 7.16 -9.26 12.01
CA THR A 196 7.66 -8.30 12.98
C THR A 196 9.13 -8.57 13.27
N LYS A 197 9.49 -9.83 13.41
CA LYS A 197 10.88 -10.19 13.69
C LYS A 197 11.71 -9.59 12.57
N LEU A 198 11.10 -9.47 11.39
CA LEU A 198 11.76 -8.91 10.24
C LEU A 198 11.89 -7.40 10.37
N ALA A 199 10.77 -6.75 10.63
CA ALA A 199 10.75 -5.31 10.77
C ALA A 199 11.79 -4.85 11.79
N GLU A 200 11.86 -5.54 12.93
CA GLU A 200 12.82 -5.17 13.96
C GLU A 200 14.23 -5.30 13.36
N GLN A 201 14.41 -6.22 12.43
CA GLN A 201 15.71 -6.40 11.79
C GLN A 201 16.03 -5.25 10.85
N TYR A 202 15.01 -4.78 10.13
CA TYR A 202 15.19 -3.67 9.22
C TYR A 202 15.52 -2.42 10.02
N ALA A 203 14.83 -2.27 11.14
CA ALA A 203 15.02 -1.14 12.02
C ALA A 203 16.43 -1.11 12.59
N LYS A 204 16.98 -2.29 12.86
CA LYS A 204 18.33 -2.37 13.41
C LYS A 204 19.34 -1.85 12.38
N GLU A 205 19.26 -2.36 11.15
CA GLU A 205 20.20 -1.95 10.10
C GLU A 205 19.99 -0.55 9.51
N ASN A 206 18.98 0.16 10.01
CA ASN A 206 18.71 1.51 9.52
C ASN A 206 18.82 2.51 10.66
N GLY A 207 18.74 2.00 11.89
CA GLY A 207 18.84 2.86 13.04
C GLY A 207 17.49 3.44 13.40
N THR A 208 16.43 2.97 12.75
CA THR A 208 15.09 3.46 13.06
C THR A 208 14.63 2.78 14.32
N LYS A 209 13.59 3.34 14.93
CA LYS A 209 13.04 2.79 16.15
C LYS A 209 11.85 1.92 15.82
N LEU A 210 11.54 0.99 16.71
CA LEU A 210 10.40 0.11 16.49
C LEU A 210 10.01 -0.56 17.77
N LEU A 211 8.71 -0.57 18.02
CA LEU A 211 8.17 -1.19 19.21
C LEU A 211 6.67 -1.27 19.06
N LEU A 212 6.09 -2.30 19.65
CA LEU A 212 4.66 -2.47 19.56
C LEU A 212 4.05 -2.85 20.90
N THR A 213 2.76 -2.63 21.00
CA THR A 213 2.05 -2.87 22.23
C THR A 213 0.59 -3.17 21.94
N ASN A 214 -0.21 -3.23 23.01
CA ASN A 214 -1.64 -3.51 22.90
C ASN A 214 -2.44 -2.29 23.39
N ASP A 215 -1.71 -1.25 23.78
CA ASP A 215 -2.28 0.02 24.24
C ASP A 215 -2.03 1.11 23.21
N PRO A 216 -3.10 1.55 22.53
CA PRO A 216 -3.08 2.57 21.50
C PRO A 216 -2.44 3.90 21.90
N LEU A 217 -3.05 4.55 22.88
CA LEU A 217 -2.55 5.83 23.36
C LEU A 217 -1.13 5.69 23.90
N GLU A 218 -0.39 4.74 23.33
CA GLU A 218 0.98 4.48 23.75
C GLU A 218 1.80 4.23 22.50
N ALA A 219 1.11 4.03 21.39
CA ALA A 219 1.73 3.81 20.09
C ALA A 219 1.54 5.12 19.35
N ALA A 220 0.45 5.80 19.67
CA ALA A 220 0.14 7.09 19.08
C ALA A 220 0.61 8.13 20.09
N HIS A 221 1.77 7.90 20.68
CA HIS A 221 2.27 8.85 21.65
C HIS A 221 2.98 9.96 20.92
N GLY A 222 4.26 9.77 20.64
CA GLY A 222 5.01 10.80 19.94
C GLY A 222 4.78 10.75 18.45
N GLY A 223 3.75 10.00 18.07
CA GLY A 223 3.41 9.81 16.66
C GLY A 223 3.26 11.05 15.81
N ASN A 224 3.97 11.05 14.68
CA ASN A 224 3.88 12.17 13.78
C ASN A 224 2.65 11.91 12.94
N VAL A 225 2.61 10.76 12.30
CA VAL A 225 1.47 10.40 11.50
C VAL A 225 0.89 9.16 12.11
N LEU A 226 -0.31 9.24 12.63
CA LEU A 226 -0.89 8.06 13.20
C LEU A 226 -1.78 7.46 12.14
N ILE A 227 -1.67 6.15 12.01
CA ILE A 227 -2.39 5.40 11.02
C ILE A 227 -3.25 4.34 11.64
N THR A 228 -4.44 4.18 11.08
CA THR A 228 -5.34 3.18 11.56
C THR A 228 -6.01 2.53 10.37
N ASP A 229 -6.88 1.57 10.67
CA ASP A 229 -7.61 0.86 9.65
C ASP A 229 -8.60 -0.10 10.30
N THR A 230 -9.81 -0.13 9.73
CA THR A 230 -10.89 -0.99 10.21
C THR A 230 -10.38 -2.33 10.68
N TRP A 231 -10.96 -2.85 11.75
CA TRP A 231 -10.55 -4.15 12.25
C TRP A 231 -11.57 -5.14 11.70
N ILE A 232 -12.77 -4.62 11.41
CA ILE A 232 -13.88 -5.41 10.87
C ILE A 232 -13.76 -5.50 9.34
N SER A 233 -12.86 -6.36 8.88
CA SER A 233 -12.64 -6.57 7.44
C SER A 233 -13.76 -7.42 6.83
N MET A 234 -14.77 -7.74 7.64
CA MET A 234 -15.92 -8.54 7.25
C MET A 234 -15.55 -10.04 7.11
N GLY A 235 -14.50 -10.45 7.81
CA GLY A 235 -14.03 -11.82 7.77
C GLY A 235 -15.04 -12.84 8.30
N ARG A 236 -15.87 -12.41 9.24
CA ARG A 236 -16.89 -13.26 9.83
C ARG A 236 -18.08 -12.43 10.30
N GLU A 237 -18.71 -12.90 11.37
CA GLU A 237 -19.85 -12.23 11.97
C GLU A 237 -19.74 -12.59 13.47
N GLU A 238 -19.44 -13.85 13.75
CA GLU A 238 -19.25 -14.33 15.12
C GLU A 238 -17.94 -13.74 15.64
N GLU A 239 -17.03 -13.53 14.70
CA GLU A 239 -15.72 -12.95 15.02
C GLU A 239 -15.81 -11.44 15.01
N LYS A 240 -16.81 -10.90 15.71
CA LYS A 240 -17.01 -9.47 15.81
C LYS A 240 -18.30 -9.18 16.54
N LYS A 241 -19.22 -10.15 16.54
CA LYS A 241 -20.52 -10.01 17.22
C LYS A 241 -20.24 -9.77 18.70
N LYS A 242 -19.04 -10.17 19.13
CA LYS A 242 -18.59 -10.01 20.51
C LYS A 242 -17.05 -10.12 20.55
N ARG A 243 -16.47 -10.69 19.50
CA ARG A 243 -15.03 -10.86 19.43
C ARG A 243 -14.34 -9.50 19.26
N LEU A 244 -14.92 -8.65 18.43
CA LEU A 244 -14.36 -7.32 18.20
C LEU A 244 -15.03 -6.27 19.07
N GLN A 245 -15.12 -6.62 20.34
CA GLN A 245 -15.67 -5.77 21.40
C GLN A 245 -14.64 -6.04 22.50
N ALA A 246 -13.72 -6.94 22.17
CA ALA A 246 -12.60 -7.32 23.01
C ALA A 246 -11.48 -6.55 22.32
N PHE A 247 -11.86 -6.00 21.17
CA PHE A 247 -11.00 -5.18 20.31
C PHE A 247 -11.35 -3.72 20.61
N GLN A 248 -12.39 -3.55 21.42
CA GLN A 248 -12.88 -2.23 21.83
C GLN A 248 -11.75 -1.48 22.57
N GLY A 249 -11.87 -0.16 22.65
CA GLY A 249 -10.87 0.63 23.34
C GLY A 249 -9.82 1.26 22.45
N TYR A 250 -10.04 1.21 21.13
CA TYR A 250 -9.10 1.79 20.17
C TYR A 250 -9.65 3.04 19.49
N GLN A 251 -10.80 2.87 18.82
CA GLN A 251 -11.50 3.92 18.07
C GLN A 251 -10.79 5.27 18.04
N VAL A 252 -9.67 5.33 17.32
CA VAL A 252 -8.88 6.55 17.21
C VAL A 252 -9.67 7.83 16.99
N ASN A 253 -9.54 8.76 17.94
CA ASN A 253 -10.23 10.03 17.86
C ASN A 253 -9.29 11.11 18.39
N SER A 254 -9.69 12.38 18.29
CA SER A 254 -8.82 13.47 18.73
C SER A 254 -8.21 13.16 20.08
N LYS A 255 -8.92 12.41 20.93
CA LYS A 255 -8.35 12.05 22.24
C LYS A 255 -6.97 11.48 21.99
N THR A 256 -6.82 10.88 20.82
CA THR A 256 -5.55 10.27 20.41
C THR A 256 -4.65 11.36 19.85
N ALA A 257 -5.21 12.10 18.89
CA ALA A 257 -4.50 13.18 18.24
C ALA A 257 -3.75 14.02 19.28
N LYS A 258 -4.41 14.25 20.41
CA LYS A 258 -3.85 15.04 21.49
C LYS A 258 -2.50 14.51 21.92
N VAL A 259 -2.46 13.21 22.25
CA VAL A 259 -1.22 12.58 22.67
C VAL A 259 -0.23 12.54 21.53
N ALA A 260 -0.77 12.61 20.32
CA ALA A 260 0.05 12.60 19.12
C ALA A 260 0.95 13.83 19.13
N ALA A 261 2.00 13.82 18.31
CA ALA A 261 2.93 14.94 18.24
C ALA A 261 2.17 16.19 17.80
N SER A 262 2.91 17.20 17.37
CA SER A 262 2.29 18.42 16.90
C SER A 262 2.18 18.34 15.38
N ALA A 263 3.28 17.96 14.74
CA ALA A 263 3.31 17.81 13.28
C ALA A 263 2.14 16.89 12.89
N TRP A 264 1.70 16.09 13.85
CA TRP A 264 0.64 15.10 13.69
C TRP A 264 -0.33 15.19 12.53
N THR A 265 -0.51 14.04 11.89
CA THR A 265 -1.38 13.91 10.74
C THR A 265 -2.05 12.53 10.77
N PHE A 266 -3.10 12.35 9.98
CA PHE A 266 -3.81 11.07 9.99
C PHE A 266 -4.00 10.34 8.67
N LEU A 267 -3.76 9.02 8.70
CA LEU A 267 -3.90 8.18 7.51
C LEU A 267 -4.91 7.07 7.65
N HIS A 268 -5.42 6.60 6.51
CA HIS A 268 -6.41 5.52 6.46
C HIS A 268 -6.72 5.25 4.99
N CYS A 269 -6.67 3.98 4.61
CA CYS A 269 -6.89 3.57 3.22
C CYS A 269 -8.34 3.52 2.78
N LEU A 270 -9.26 3.90 3.65
CA LEU A 270 -10.68 3.86 3.31
C LEU A 270 -11.18 2.41 3.28
N PRO A 271 -12.50 2.21 3.32
CA PRO A 271 -13.50 3.28 3.39
C PRO A 271 -13.87 3.61 4.82
N ARG A 272 -14.65 4.68 4.99
CA ARG A 272 -15.11 5.18 6.28
C ARG A 272 -14.97 4.20 7.45
N LYS A 273 -16.11 3.77 8.00
CA LYS A 273 -16.18 2.83 9.13
C LYS A 273 -16.10 3.53 10.50
N PRO A 274 -17.18 4.22 10.92
CA PRO A 274 -17.21 4.91 12.21
C PRO A 274 -16.76 4.07 13.41
N GLU A 275 -16.47 2.79 13.17
CA GLU A 275 -16.04 1.89 14.22
C GLU A 275 -14.65 2.22 14.76
N GLU A 276 -13.72 2.56 13.88
CA GLU A 276 -12.36 2.87 14.30
C GLU A 276 -11.91 4.31 14.02
N VAL A 277 -12.84 5.26 14.16
CA VAL A 277 -12.56 6.67 13.96
C VAL A 277 -13.81 7.51 13.80
N ASP A 278 -13.81 8.67 14.44
CA ASP A 278 -14.91 9.59 14.39
C ASP A 278 -14.64 10.62 13.33
N ASP A 279 -15.68 11.29 12.88
CA ASP A 279 -15.52 12.30 11.86
C ASP A 279 -14.54 13.34 12.36
N ASP A 280 -14.49 13.51 13.67
CA ASP A 280 -13.63 14.50 14.30
C ASP A 280 -12.21 14.42 13.77
N VAL A 281 -11.66 13.21 13.77
CA VAL A 281 -10.32 13.00 13.27
C VAL A 281 -10.37 12.97 11.76
N PHE A 282 -10.94 11.88 11.26
CA PHE A 282 -11.10 11.60 9.84
C PHE A 282 -11.25 12.84 8.95
N TYR A 283 -12.08 13.78 9.37
CA TYR A 283 -12.28 14.97 8.57
C TYR A 283 -11.42 16.16 8.96
N SER A 284 -10.60 15.98 10.00
CA SER A 284 -9.69 17.04 10.45
C SER A 284 -8.77 17.37 9.29
N PRO A 285 -8.52 18.67 9.04
CA PRO A 285 -7.63 19.03 7.94
C PRO A 285 -6.25 18.43 8.11
N ARG A 286 -6.07 17.71 9.22
CA ARG A 286 -4.81 17.06 9.53
C ARG A 286 -4.77 15.65 8.98
N SER A 287 -5.92 15.19 8.50
CA SER A 287 -6.05 13.85 7.92
C SER A 287 -5.87 13.97 6.42
N LEU A 288 -5.01 13.11 5.87
CA LEU A 288 -4.73 13.12 4.46
C LEU A 288 -5.47 11.94 3.83
N VAL A 289 -6.61 11.63 4.41
CA VAL A 289 -7.43 10.54 3.96
C VAL A 289 -7.62 10.55 2.46
N PHE A 290 -8.11 11.67 1.94
CA PHE A 290 -8.36 11.79 0.52
C PHE A 290 -7.14 11.87 -0.36
N PRO A 291 -6.15 12.69 0.00
CA PRO A 291 -4.93 12.82 -0.79
C PRO A 291 -4.30 11.44 -0.85
N GLU A 292 -4.42 10.71 0.26
CA GLU A 292 -3.89 9.37 0.31
C GLU A 292 -4.56 8.69 -0.87
N ALA A 293 -5.88 8.57 -0.77
CA ALA A 293 -6.69 7.96 -1.80
C ALA A 293 -6.24 8.38 -3.20
N GLU A 294 -6.15 9.68 -3.45
CA GLU A 294 -5.72 10.14 -4.75
C GLU A 294 -4.42 9.50 -5.21
N ASN A 295 -3.36 9.71 -4.43
CA ASN A 295 -2.05 9.19 -4.77
C ASN A 295 -1.98 7.76 -5.27
N ARG A 296 -2.88 6.91 -4.80
CA ARG A 296 -2.93 5.53 -5.26
C ARG A 296 -2.64 5.46 -6.76
N LYS A 297 -3.24 6.41 -7.49
CA LYS A 297 -3.10 6.51 -8.94
C LYS A 297 -1.67 6.84 -9.38
N TRP A 298 -1.15 7.97 -8.92
CA TRP A 298 0.18 8.37 -9.29
C TRP A 298 1.20 7.32 -8.96
N THR A 299 1.07 6.71 -7.79
CA THR A 299 1.99 5.66 -7.39
C THR A 299 1.93 4.49 -8.40
N ILE A 300 0.75 3.89 -8.53
CA ILE A 300 0.55 2.77 -9.43
C ILE A 300 1.10 3.02 -10.84
N MET A 301 0.93 4.24 -11.33
CA MET A 301 1.46 4.58 -12.63
C MET A 301 2.96 4.37 -12.57
N ALA A 302 3.60 5.15 -11.71
CA ALA A 302 5.03 5.06 -11.51
C ALA A 302 5.42 3.59 -11.42
N VAL A 303 4.71 2.85 -10.58
CA VAL A 303 4.99 1.43 -10.44
C VAL A 303 5.08 0.79 -11.81
N MET A 304 4.05 0.96 -12.60
CA MET A 304 4.03 0.39 -13.94
C MET A 304 5.21 0.94 -14.74
N VAL A 305 5.17 2.25 -14.97
CA VAL A 305 6.24 2.93 -15.67
C VAL A 305 7.57 2.42 -15.15
N SER A 306 7.59 2.03 -13.88
CA SER A 306 8.81 1.51 -13.30
C SER A 306 9.21 0.19 -13.91
N LEU A 307 8.26 -0.74 -13.99
CA LEU A 307 8.55 -2.07 -14.52
C LEU A 307 8.31 -2.26 -15.99
N LEU A 308 7.76 -1.27 -16.66
CA LEU A 308 7.51 -1.45 -18.08
C LEU A 308 8.34 -0.53 -18.96
N THR A 309 9.01 0.43 -18.35
CA THR A 309 9.80 1.36 -19.13
C THR A 309 11.18 1.67 -18.63
N ASP A 310 11.95 2.30 -19.52
CA ASP A 310 13.31 2.72 -19.25
C ASP A 310 13.24 4.20 -18.92
N TYR A 311 12.02 4.72 -18.96
CA TYR A 311 11.75 6.12 -18.70
C TYR A 311 12.90 7.00 -18.15
N SER A 312 12.88 7.25 -16.85
CA SER A 312 13.86 8.11 -16.17
C SER A 312 13.20 9.44 -15.81
N PRO A 313 12.99 9.67 -14.51
CA PRO A 313 12.37 10.86 -13.92
C PRO A 313 13.00 12.19 -14.25
N GLN A 314 12.22 13.03 -14.89
CA GLN A 314 12.65 14.38 -15.21
C GLN A 314 12.20 15.06 -13.93
N LEU A 315 12.99 16.00 -13.41
CA LEU A 315 12.67 16.69 -12.15
C LEU A 315 13.50 16.09 -11.02
N GLN A 316 14.22 16.95 -10.30
CA GLN A 316 15.07 16.52 -9.20
C GLN A 316 14.35 15.67 -8.19
N LYS A 317 14.99 14.57 -7.82
CA LYS A 317 14.45 13.64 -6.85
C LYS A 317 14.02 14.44 -5.62
N PRO A 318 12.90 14.05 -4.99
CA PRO A 318 12.41 14.73 -3.80
C PRO A 318 13.30 14.40 -2.63
N LYS A 319 13.22 15.18 -1.58
CA LYS A 319 14.01 14.91 -0.40
C LYS A 319 13.22 13.93 0.45
N PHE A 320 13.78 12.74 0.69
CA PHE A 320 13.10 11.72 1.50
C PHE A 320 13.60 11.66 2.94
#